data_7PVE
#
_entry.id   7PVE
#
_cell.length_a   50.497
_cell.length_b   70.089
_cell.length_c   118.448
_cell.angle_alpha   90.000
_cell.angle_beta   90.000
_cell.angle_gamma   90.000
#
_symmetry.space_group_name_H-M   'I 2 2 2'
#
loop_
_entity.id
_entity.type
_entity.pdbx_description
1 polymer 'Cholinephosphate cytidylyltransferase'
2 non-polymer 4-bromo-1H-imidazole
3 water water
#
_entity_poly.entity_id   1
_entity_poly.type   'polypeptide(L)'
_entity_poly.pdbx_seq_one_letter_code
;GHMAVPDDDDDDDNSNDESEYESSQMDSEKNKGSIKNSKNVVIYADGVYDMLHLGHMKQLEQAKKLFENTTLIVGVTSDN
ETKLFKGQVVQTLEERTETLKHIRWVDEIISPCPWVVTPEFLEKYKIDYVAHDDIPYANNQKEDIYAWLKRAGKFKATQR
TEGVSTTDLIVRILKNYEDY
;
_entity_poly.pdbx_strand_id   A
#
loop_
_chem_comp.id
_chem_comp.type
_chem_comp.name
_chem_comp.formula
ES3 non-polymer 4-bromo-1H-imidazole 'C3 H3 Br N2'
#
# COMPACT_ATOMS: atom_id res chain seq x y z
N SER A 38 14.00 -15.30 16.63
CA SER A 38 12.63 -15.19 16.15
C SER A 38 12.52 -15.33 14.61
N LYS A 39 11.65 -16.23 14.15
CA LYS A 39 11.50 -16.51 12.73
C LYS A 39 10.96 -15.31 11.96
N ASN A 40 11.38 -15.19 10.70
CA ASN A 40 11.07 -14.03 9.89
C ASN A 40 9.76 -14.23 9.13
N VAL A 41 8.86 -13.27 9.26
CA VAL A 41 7.50 -13.31 8.73
C VAL A 41 7.42 -12.40 7.51
N VAL A 42 7.02 -12.96 6.37
CA VAL A 42 6.90 -12.19 5.13
C VAL A 42 5.51 -11.56 5.08
N ILE A 43 5.47 -10.24 5.00
CA ILE A 43 4.24 -9.47 4.93
C ILE A 43 4.15 -8.86 3.55
N TYR A 44 2.94 -8.85 2.99
CA TYR A 44 2.66 -8.25 1.71
C TYR A 44 1.57 -7.22 1.88
N ALA A 45 1.82 -6.01 1.42
CA ALA A 45 0.77 -5.00 1.26
C ALA A 45 0.88 -4.43 -0.14
N ASP A 46 -0.24 -4.20 -0.76
CA ASP A 46 -0.27 -3.65 -2.11
C ASP A 46 -1.12 -2.39 -2.14
N GLY A 47 -1.00 -1.63 -3.21
CA GLY A 47 -1.83 -0.46 -3.35
C GLY A 47 -1.40 0.38 -4.53
N VAL A 48 -2.06 1.52 -4.67
CA VAL A 48 -1.67 2.44 -5.74
C VAL A 48 -0.48 3.27 -5.32
N TYR A 49 -0.48 3.77 -4.08
CA TYR A 49 0.59 4.64 -3.59
C TYR A 49 0.77 5.88 -4.46
N ASP A 50 -0.32 6.50 -4.86
CA ASP A 50 -0.26 7.72 -5.64
C ASP A 50 0.06 8.90 -4.73
N MET A 51 1.05 9.71 -5.10
CA MET A 51 1.35 10.91 -4.34
C MET A 51 1.56 10.58 -2.86
N LEU A 52 2.52 9.68 -2.60
CA LEU A 52 2.76 9.16 -1.24
C LEU A 52 2.69 10.26 -0.18
N HIS A 53 1.97 9.97 0.91
CA HIS A 53 1.82 10.91 2.01
C HIS A 53 1.93 10.17 3.35
N LEU A 54 1.92 10.96 4.43
CA LEU A 54 2.07 10.42 5.77
C LEU A 54 1.10 9.27 6.04
N GLY A 55 -0.06 9.27 5.38
CA GLY A 55 -1.03 8.21 5.61
C GLY A 55 -0.60 6.85 5.06
N HIS A 56 -0.04 6.83 3.85
CA HIS A 56 0.54 5.60 3.32
C HIS A 56 1.70 5.13 4.18
N MET A 57 2.56 6.04 4.61
CA MET A 57 3.73 5.67 5.39
C MET A 57 3.35 5.05 6.72
N LYS A 58 2.38 5.64 7.42
CA LYS A 58 1.95 5.05 8.69
C LYS A 58 1.38 3.66 8.46
N GLN A 59 0.63 3.48 7.37
CA GLN A 59 0.10 2.16 7.03
C GLN A 59 1.22 1.17 6.76
N LEU A 60 2.25 1.60 6.04
CA LEU A 60 3.36 0.69 5.77
C LEU A 60 4.11 0.34 7.04
N GLU A 61 4.39 1.34 7.87
CA GLU A 61 5.02 1.08 9.16
C GLU A 61 4.21 0.07 9.97
N GLN A 62 2.89 0.13 9.85
CA GLN A 62 2.05 -0.79 10.60
C GLN A 62 2.24 -2.21 10.11
N ALA A 63 2.15 -2.40 8.79
CA ALA A 63 2.41 -3.72 8.24
C ALA A 63 3.77 -4.23 8.68
N LYS A 64 4.79 -3.36 8.59
CA LYS A 64 6.16 -3.76 8.91
C LYS A 64 6.30 -4.26 10.35
N LYS A 65 5.53 -3.67 11.28
CA LYS A 65 5.67 -4.00 12.70
C LYS A 65 4.62 -4.98 13.19
N LEU A 66 3.86 -5.60 12.30
CA LEU A 66 2.92 -6.65 12.73
C LEU A 66 3.62 -7.72 13.56
N PHE A 67 4.90 -7.98 13.31
CA PHE A 67 5.66 -8.96 14.09
C PHE A 67 7.04 -8.41 14.38
N GLU A 68 7.73 -9.09 15.28
CA GLU A 68 9.06 -8.64 15.67
C GLU A 68 10.00 -8.60 14.47
N ASN A 69 9.98 -9.67 13.66
CA ASN A 69 10.92 -9.80 12.53
C ASN A 69 10.14 -10.01 11.24
N THR A 70 10.18 -9.04 10.33
CA THR A 70 9.40 -9.11 9.11
C THR A 70 10.23 -8.73 7.90
N THR A 71 9.73 -9.15 6.76
CA THR A 71 10.12 -8.64 5.45
C THR A 71 8.83 -8.05 4.90
N LEU A 72 8.79 -6.75 4.72
CA LEU A 72 7.62 -6.10 4.13
C LEU A 72 7.84 -6.05 2.62
N ILE A 73 6.96 -6.73 1.88
CA ILE A 73 6.92 -6.63 0.43
C ILE A 73 5.75 -5.73 0.08
N VAL A 74 6.00 -4.74 -0.76
CA VAL A 74 4.97 -3.79 -1.18
C VAL A 74 4.69 -4.02 -2.65
N GLY A 75 3.42 -4.19 -3.00
CA GLY A 75 3.01 -4.30 -4.40
C GLY A 75 2.41 -3.00 -4.89
N VAL A 76 2.82 -2.60 -6.09
CA VAL A 76 2.43 -1.33 -6.69
C VAL A 76 1.62 -1.60 -7.95
N THR A 77 0.35 -1.17 -7.93
CA THR A 77 -0.61 -1.51 -8.96
C THR A 77 -0.31 -0.77 -10.26
N SER A 78 -0.54 -1.46 -11.38
CA SER A 78 -0.19 -0.91 -12.67
C SER A 78 -1.06 0.29 -13.00
N ASP A 79 -0.59 1.06 -13.99
CA ASP A 79 -1.32 2.25 -14.43
C ASP A 79 -2.66 1.87 -15.02
N ASN A 80 -2.66 0.96 -15.99
CA ASN A 80 -3.86 0.64 -16.73
C ASN A 80 -4.91 0.01 -15.83
N GLU A 81 -4.48 -0.89 -14.95
CA GLU A 81 -5.44 -1.59 -14.10
C GLU A 81 -6.02 -0.65 -13.05
N THR A 82 -5.18 0.21 -12.47
CA THR A 82 -5.72 1.17 -11.50
C THR A 82 -6.76 2.06 -12.13
N LYS A 83 -6.47 2.60 -13.32
CA LYS A 83 -7.43 3.47 -14.00
C LYS A 83 -8.69 2.71 -14.40
N LEU A 84 -8.56 1.48 -14.87
CA LEU A 84 -9.75 0.78 -15.36
C LEU A 84 -10.63 0.33 -14.20
N PHE A 85 -10.04 -0.12 -13.11
CA PHE A 85 -10.81 -0.72 -12.04
C PHE A 85 -11.07 0.22 -10.88
N LYS A 86 -10.17 1.15 -10.62
CA LYS A 86 -10.25 1.99 -9.42
C LYS A 86 -10.57 3.43 -9.77
N GLY A 87 -9.68 4.13 -10.47
CA GLY A 87 -9.96 5.50 -10.86
C GLY A 87 -8.68 6.23 -11.22
N GLN A 88 -8.77 7.57 -11.22
CA GLN A 88 -7.71 8.40 -11.75
C GLN A 88 -6.45 8.26 -10.90
N VAL A 89 -5.30 8.36 -11.58
CA VAL A 89 -3.98 8.19 -10.96
C VAL A 89 -3.05 9.24 -11.54
N VAL A 90 -2.35 9.97 -10.68
CA VAL A 90 -1.57 11.13 -11.12
C VAL A 90 -0.18 10.72 -11.58
N GLN A 91 0.50 9.87 -10.82
CA GLN A 91 1.88 9.49 -11.08
C GLN A 91 1.96 8.16 -11.79
N THR A 92 3.01 7.99 -12.59
CA THR A 92 3.18 6.74 -13.32
C THR A 92 3.57 5.62 -12.38
N LEU A 93 3.61 4.40 -12.93
CA LEU A 93 4.17 3.28 -12.18
C LEU A 93 5.59 3.61 -11.71
N GLU A 94 6.47 4.09 -12.59
CA GLU A 94 7.85 4.35 -12.17
C GLU A 94 7.88 5.35 -11.04
N GLU A 95 7.22 6.49 -11.22
CA GLU A 95 7.24 7.52 -10.19
C GLU A 95 6.72 6.99 -8.86
N ARG A 96 5.60 6.26 -8.87
CA ARG A 96 5.06 5.79 -7.61
C ARG A 96 5.97 4.78 -6.96
N THR A 97 6.74 4.05 -7.77
CA THR A 97 7.62 2.99 -7.28
C THR A 97 8.95 3.56 -6.80
N GLU A 98 9.50 4.52 -7.53
CA GLU A 98 10.74 5.16 -7.08
C GLU A 98 10.53 5.81 -5.72
N THR A 99 9.36 6.40 -5.47
CA THR A 99 9.14 7.02 -4.18
C THR A 99 9.10 5.99 -3.04
N LEU A 100 8.42 4.87 -3.25
CA LEU A 100 8.33 3.87 -2.20
C LEU A 100 9.70 3.32 -1.81
N LYS A 101 10.69 3.36 -2.70
CA LYS A 101 11.97 2.82 -2.32
C LYS A 101 12.67 3.69 -1.28
N HIS A 102 12.19 4.91 -1.05
CA HIS A 102 12.80 5.76 -0.04
C HIS A 102 12.17 5.62 1.34
N ILE A 103 11.14 4.79 1.49
CA ILE A 103 10.44 4.64 2.75
C ILE A 103 11.14 3.56 3.55
N ARG A 104 11.40 3.84 4.83
CA ARG A 104 12.28 2.94 5.56
C ARG A 104 11.64 1.60 5.87
N TRP A 105 10.31 1.51 5.84
CA TRP A 105 9.61 0.27 6.20
C TRP A 105 9.59 -0.75 5.06
N VAL A 106 10.01 -0.37 3.87
CA VAL A 106 9.80 -1.15 2.66
C VAL A 106 11.05 -1.99 2.44
N ASP A 107 10.88 -3.32 2.49
CA ASP A 107 12.03 -4.18 2.27
C ASP A 107 12.13 -4.60 0.82
N GLU A 108 11.02 -4.99 0.20
CA GLU A 108 11.02 -5.43 -1.18
C GLU A 108 9.79 -4.84 -1.87
N ILE A 109 9.91 -4.62 -3.18
CA ILE A 109 8.81 -4.10 -3.98
C ILE A 109 8.52 -5.08 -5.11
N ILE A 110 7.24 -5.23 -5.44
CA ILE A 110 6.83 -5.90 -6.67
C ILE A 110 6.07 -4.85 -7.45
N SER A 111 6.59 -4.51 -8.64
CA SER A 111 6.04 -3.40 -9.43
C SER A 111 6.17 -3.69 -10.93
N PRO A 112 5.06 -3.81 -11.66
CA PRO A 112 3.69 -3.80 -11.14
C PRO A 112 3.34 -5.10 -10.42
N CYS A 113 2.41 -5.02 -9.48
CA CYS A 113 1.89 -6.20 -8.82
C CYS A 113 0.58 -6.61 -9.47
N PRO A 114 0.17 -7.88 -9.37
CA PRO A 114 -1.11 -8.27 -9.95
C PRO A 114 -2.23 -7.52 -9.26
N TRP A 115 -3.30 -7.26 -10.01
CA TRP A 115 -4.40 -6.48 -9.44
C TRP A 115 -5.18 -7.29 -8.39
N VAL A 116 -5.25 -8.62 -8.53
CA VAL A 116 -5.91 -9.47 -7.56
C VAL A 116 -4.88 -10.44 -6.99
N VAL A 117 -4.76 -10.45 -5.68
CA VAL A 117 -3.91 -11.43 -5.00
C VAL A 117 -4.59 -12.79 -5.04
N THR A 118 -3.79 -13.83 -5.28
CA THR A 118 -4.21 -15.21 -5.36
C THR A 118 -3.41 -16.08 -4.42
N PRO A 119 -3.94 -17.25 -4.03
CA PRO A 119 -3.13 -18.18 -3.24
C PRO A 119 -1.85 -18.58 -3.95
N GLU A 120 -1.86 -18.71 -5.28
CA GLU A 120 -0.63 -19.01 -6.02
C GLU A 120 0.40 -17.91 -5.84
N PHE A 121 -0.05 -16.65 -5.86
CA PHE A 121 0.85 -15.53 -5.63
C PHE A 121 1.50 -15.61 -4.26
N LEU A 122 0.74 -15.98 -3.23
CA LEU A 122 1.31 -16.12 -1.90
C LEU A 122 2.37 -17.21 -1.86
N GLU A 123 2.15 -18.29 -2.60
CA GLU A 123 3.11 -19.38 -2.62
C GLU A 123 4.38 -18.99 -3.35
N LYS A 124 4.25 -18.31 -4.48
CA LYS A 124 5.42 -17.99 -5.29
C LYS A 124 6.34 -16.99 -4.61
N TYR A 125 5.82 -16.11 -3.76
CA TYR A 125 6.64 -15.15 -3.01
C TYR A 125 6.79 -15.53 -1.54
N LYS A 126 6.30 -16.71 -1.15
CA LYS A 126 6.37 -17.17 0.23
C LYS A 126 5.88 -16.10 1.20
N ILE A 127 4.71 -15.54 0.89
CA ILE A 127 4.08 -14.54 1.75
C ILE A 127 3.33 -15.25 2.86
N ASP A 128 3.56 -14.82 4.11
CA ASP A 128 2.82 -15.39 5.22
C ASP A 128 1.54 -14.64 5.55
N TYR A 129 1.51 -13.32 5.38
CA TYR A 129 0.31 -12.55 5.68
C TYR A 129 0.16 -11.44 4.66
N VAL A 130 -1.07 -11.11 4.35
CA VAL A 130 -1.37 -9.93 3.57
C VAL A 130 -1.88 -8.87 4.53
N ALA A 131 -1.39 -7.64 4.39
CA ALA A 131 -1.77 -6.54 5.28
C ALA A 131 -2.62 -5.57 4.49
N HIS A 132 -3.82 -5.31 4.99
CA HIS A 132 -4.73 -4.36 4.37
C HIS A 132 -5.60 -3.76 5.46
N ASP A 133 -6.34 -2.72 5.10
CA ASP A 133 -7.08 -1.90 6.07
C ASP A 133 -8.42 -2.50 6.54
N ASP A 144 -16.54 -9.21 0.38
CA ASP A 144 -15.20 -9.15 0.94
C ASP A 144 -14.26 -9.95 0.06
N ILE A 145 -13.42 -9.25 -0.72
CA ILE A 145 -12.41 -9.90 -1.52
C ILE A 145 -11.29 -10.48 -0.67
N TYR A 146 -11.30 -10.16 0.62
CA TYR A 146 -10.33 -10.67 1.57
C TYR A 146 -10.90 -11.81 2.41
N ALA A 147 -12.12 -12.26 2.13
CA ALA A 147 -12.70 -13.37 2.89
C ALA A 147 -11.78 -14.58 2.84
N TRP A 148 -11.30 -14.94 1.64
CA TRP A 148 -10.49 -16.14 1.51
C TRP A 148 -9.19 -16.03 2.31
N LEU A 149 -8.60 -14.83 2.38
CA LEU A 149 -7.42 -14.62 3.22
C LEU A 149 -7.76 -14.80 4.69
N LYS A 150 -8.81 -14.13 5.15
CA LYS A 150 -9.25 -14.32 6.53
C LYS A 150 -9.51 -15.79 6.80
N ARG A 151 -10.14 -16.48 5.84
CA ARG A 151 -10.50 -17.87 6.00
C ARG A 151 -9.27 -18.74 6.20
N ALA A 152 -8.14 -18.31 5.66
CA ALA A 152 -6.88 -19.05 5.71
C ALA A 152 -5.97 -18.60 6.83
N GLY A 153 -6.39 -17.65 7.66
CA GLY A 153 -5.51 -17.19 8.72
C GLY A 153 -4.38 -16.30 8.26
N LYS A 154 -4.44 -15.77 7.04
CA LYS A 154 -3.36 -15.03 6.43
C LYS A 154 -3.66 -13.54 6.22
N PHE A 155 -4.62 -12.99 6.94
CA PHE A 155 -5.01 -11.59 6.79
C PHE A 155 -4.72 -10.82 8.07
N LYS A 156 -4.06 -9.68 7.94
CA LYS A 156 -3.76 -8.77 9.04
C LYS A 156 -4.30 -7.39 8.70
N ALA A 157 -5.08 -6.81 9.61
CA ALA A 157 -5.64 -5.49 9.36
C ALA A 157 -4.61 -4.43 9.67
N THR A 158 -4.59 -3.36 8.87
CA THR A 158 -3.92 -2.11 9.18
C THR A 158 -4.94 -0.98 9.03
N GLN A 159 -4.59 0.22 9.47
CA GLN A 159 -5.54 1.32 9.51
C GLN A 159 -5.13 2.44 8.56
N ARG A 160 -6.15 3.19 8.14
CA ARG A 160 -5.96 4.47 7.49
C ARG A 160 -5.90 5.58 8.54
N THR A 161 -5.57 6.78 8.06
CA THR A 161 -5.70 7.99 8.86
C THR A 161 -6.05 9.10 7.88
N GLU A 162 -7.07 9.88 8.18
CA GLU A 162 -7.61 10.81 7.20
C GLU A 162 -6.98 12.20 7.35
N GLY A 163 -7.37 13.10 6.46
CA GLY A 163 -6.93 14.50 6.54
C GLY A 163 -5.45 14.70 6.44
N VAL A 164 -4.77 13.91 5.61
CA VAL A 164 -3.31 13.97 5.52
C VAL A 164 -2.92 13.82 4.05
N SER A 165 -3.91 13.61 3.19
CA SER A 165 -3.63 13.33 1.79
C SER A 165 -3.21 14.60 1.08
N THR A 166 -2.39 14.42 0.05
CA THR A 166 -1.85 15.56 -0.66
C THR A 166 -2.95 16.46 -1.23
N THR A 167 -4.20 15.99 -1.27
CA THR A 167 -5.29 16.88 -1.64
C THR A 167 -5.70 17.78 -0.48
N ASP A 168 -5.81 17.25 0.75
CA ASP A 168 -6.12 18.09 1.90
C ASP A 168 -5.21 19.30 2.01
N LEU A 169 -3.95 19.14 1.57
CA LEU A 169 -2.97 20.19 1.75
C LEU A 169 -3.14 21.31 0.72
N ILE A 170 -3.63 21.01 -0.48
CA ILE A 170 -3.93 22.09 -1.41
C ILE A 170 -5.09 22.92 -0.92
N VAL A 171 -6.05 22.29 -0.25
CA VAL A 171 -7.09 23.07 0.42
C VAL A 171 -6.48 24.06 1.39
N ARG A 172 -5.50 23.60 2.18
CA ARG A 172 -4.83 24.52 3.09
C ARG A 172 -4.28 25.72 2.34
N ILE A 173 -3.59 25.46 1.23
CA ILE A 173 -2.95 26.53 0.46
C ILE A 173 -3.99 27.52 -0.04
N LEU A 174 -5.12 27.01 -0.53
CA LEU A 174 -6.12 27.89 -1.11
C LEU A 174 -6.82 28.74 -0.06
N LYS A 175 -6.81 28.29 1.20
CA LYS A 175 -7.48 29.04 2.27
C LYS A 175 -6.87 30.42 2.48
N ASN A 176 -5.71 30.68 1.89
CA ASN A 176 -5.06 32.02 2.03
C ASN A 176 -5.79 33.03 1.13
N TYR A 177 -6.80 32.58 0.39
CA TYR A 177 -7.54 33.44 -0.53
C TYR A 177 -9.00 33.32 -0.12
N GLU A 178 -9.41 34.16 0.82
CA GLU A 178 -10.80 34.19 1.23
C GLU A 178 -11.68 34.41 0.02
N ASP A 179 -12.89 33.86 0.06
CA ASP A 179 -13.89 34.31 -0.89
C ASP A 179 -14.13 35.79 -0.65
N TYR A 180 -14.21 36.57 -1.73
CA TYR A 180 -14.35 38.02 -1.58
C TYR A 180 -13.21 38.60 -0.73
BR01 ES3 B . -5.94 -0.80 -4.30
C02 ES3 B . -5.47 -2.54 -4.95
C03 ES3 B . -5.98 -3.19 -6.08
N04 ES3 B . -5.32 -4.43 -6.14
C05 ES3 B . -4.44 -4.51 -5.05
N06 ES3 B . -4.52 -3.36 -4.30
H03 ES3 B . -6.61 -2.92 -6.70
HN04 ES3 B . -5.44 -5.04 -6.74
H05 ES3 B . -3.88 -5.24 -4.87
BR01 ES3 C . 10.88 -11.83 -7.33
C02 ES3 C . 10.77 -10.58 -5.90
C03 ES3 C . 11.05 -10.83 -4.57
N04 ES3 C . 10.82 -9.61 -3.94
C05 ES3 C . 10.42 -8.66 -4.89
N06 ES3 C . 10.37 -9.24 -6.11
H03 ES3 C . 11.33 -11.60 -4.14
HN04 ES3 C . 10.92 -9.46 -3.09
H05 ES3 C . 10.21 -7.77 -4.69
#